data_7H62
#
_entry.id   7H62
#
_cell.length_a   73.880
_cell.length_b   73.880
_cell.length_c   49.120
_cell.angle_alpha   90.00
_cell.angle_beta   90.00
_cell.angle_gamma   90.00
#
_symmetry.space_group_name_H-M   'P 43'
#
loop_
_entity.id
_entity.type
_entity.pdbx_description
1 polymer Chymase
2 non-polymer 'ZINC ION'
3 non-polymer 5-fluoro-3-methyl-N-[4-(pyridin-4-yl)-2-(trifluoromethyl)phenyl]-1-benzothiophene-2-sulfonamide
4 water water
#
_entity_poly.entity_id   1
_entity_poly.type   'polypeptide(L)'
_entity_poly.pdbx_seq_one_letter_code
;IIGGTESKPHSRPYMAYLEIVTSNGPSKFCGGFLIRRNFVLTAAHCAGRSITVTLGAHNITEEEDTWQKLEVIKQFRHPK
YNTSTLHHDIMLLKLKEKASLTLAVGTLPFPSQKNFVPPGRMCRVAGWGRTGVLKPGSDTLQEVKLRLMDPQACSHFRDF
DHNLQLCVGNPRKTKSAFKGDSGGPLLCAGVAQGIVSYGRSDAKPPAVFTRISHYRPWINQILQAN
;
_entity_poly.pdbx_strand_id   A
#
loop_
_chem_comp.id
_chem_comp.type
_chem_comp.name
_chem_comp.formula
A1AOY non-polymer 5-fluoro-3-methyl-N-[4-(pyridin-4-yl)-2-(trifluoromethyl)phenyl]-1-benzothiophene-2-sulfonamide 'C21 H14 F4 N2 O2 S2'
ZN non-polymer 'ZINC ION' 'Zn 2'
#
# COMPACT_ATOMS: atom_id res chain seq x y z
N ILE A 1 9.69 -0.33 -4.57
CA ILE A 1 9.55 -1.45 -5.56
C ILE A 1 10.93 -1.79 -6.08
N ILE A 2 11.32 -3.06 -5.94
CA ILE A 2 12.59 -3.56 -6.44
C ILE A 2 12.33 -4.31 -7.74
N GLY A 3 13.14 -3.99 -8.76
CA GLY A 3 13.17 -4.76 -10.00
C GLY A 3 11.95 -4.51 -10.89
N GLY A 4 11.30 -3.36 -10.69
CA GLY A 4 10.09 -3.01 -11.42
C GLY A 4 10.36 -2.04 -12.55
N THR A 5 9.28 -1.48 -13.09
CA THR A 5 9.32 -0.49 -14.16
C THR A 5 8.62 0.77 -13.68
N GLU A 6 8.97 1.91 -14.28
CA GLU A 6 8.25 3.14 -14.01
C GLU A 6 6.83 2.99 -14.56
N SER A 7 5.83 3.28 -13.72
CA SER A 7 4.45 3.24 -14.16
C SER A 7 4.25 4.29 -15.26
N LYS A 8 3.38 3.98 -16.23
CA LYS A 8 2.89 5.02 -17.12
C LYS A 8 2.23 6.09 -16.24
N PRO A 9 2.61 7.38 -16.37
CA PRO A 9 2.08 8.39 -15.47
C PRO A 9 0.55 8.41 -15.42
N HIS A 10 0.01 8.34 -14.20
CA HIS A 10 -1.42 8.47 -13.94
C HIS A 10 -2.21 7.26 -14.42
N SER A 11 -1.52 6.15 -14.70
CA SER A 11 -2.16 4.94 -15.21
C SER A 11 -2.81 4.14 -14.08
N ARG A 12 -2.49 4.49 -12.83
CA ARG A 12 -3.10 3.87 -11.66
C ARG A 12 -3.72 4.96 -10.80
N PRO A 13 -4.84 5.55 -11.25
CA PRO A 13 -5.36 6.78 -10.64
C PRO A 13 -5.87 6.68 -9.21
N TYR A 14 -5.97 5.45 -8.70
CA TYR A 14 -6.41 5.19 -7.33
C TYR A 14 -5.23 5.25 -6.36
N MET A 15 -3.98 5.36 -6.85
CA MET A 15 -2.83 5.28 -5.97
C MET A 15 -2.73 6.53 -5.10
N ALA A 16 -2.44 6.30 -3.81
CA ALA A 16 -2.29 7.36 -2.83
C ALA A 16 -0.87 7.33 -2.27
N TYR A 17 -0.27 8.52 -2.16
CA TYR A 17 1.01 8.70 -1.51
C TYR A 17 0.76 9.29 -0.12
N LEU A 18 1.20 8.57 0.91
CA LEU A 18 0.92 8.93 2.28
C LEU A 18 2.19 9.47 2.95
N GLU A 19 2.07 10.66 3.54
CA GLU A 19 3.11 11.22 4.39
C GLU A 19 2.59 11.20 5.82
N ILE A 20 3.31 10.49 6.69
CA ILE A 20 2.83 10.18 8.03
C ILE A 20 3.73 10.85 9.06
N VAL A 21 3.11 11.65 9.94
CA VAL A 21 3.81 12.39 10.97
C VAL A 21 3.76 11.59 12.27
N THR A 22 4.88 11.61 13.00
CA THR A 22 4.94 11.18 14.40
C THR A 22 5.60 12.29 15.21
N SER A 23 5.40 12.24 16.54
CA SER A 23 5.83 13.30 17.44
C SER A 23 7.35 13.33 17.59
N ASN A 24 8.00 12.16 17.46
CA ASN A 24 9.37 11.99 17.92
C ASN A 24 10.29 11.53 16.78
N GLY A 25 9.92 11.80 15.53
CA GLY A 25 10.80 11.50 14.41
C GLY A 25 10.34 12.23 13.16
N PRO A 26 11.15 12.27 12.08
CA PRO A 26 10.71 12.88 10.83
C PRO A 26 9.61 12.06 10.15
N SER A 27 9.05 12.63 9.09
CA SER A 27 8.00 12.00 8.31
C SER A 27 8.42 10.61 7.83
N LYS A 28 7.44 9.69 7.82
N LYS A 28 7.45 9.69 7.81
CA LYS A 28 7.55 8.40 7.16
CA LYS A 28 7.60 8.42 7.11
C LYS A 28 6.58 8.39 5.99
C LYS A 28 6.57 8.38 5.99
N PHE A 29 6.73 7.42 5.07
CA PHE A 29 5.94 7.37 3.86
C PHE A 29 5.39 5.97 3.63
N CYS A 30 4.19 5.92 3.04
CA CYS A 30 3.53 4.70 2.65
C CYS A 30 2.74 4.92 1.37
N GLY A 31 2.29 3.80 0.79
CA GLY A 31 1.29 3.84 -0.25
C GLY A 31 -0.10 3.59 0.34
N GLY A 32 -1.08 3.64 -0.55
CA GLY A 32 -2.48 3.41 -0.22
C GLY A 32 -3.28 3.47 -1.51
N PHE A 33 -4.58 3.24 -1.44
CA PHE A 33 -5.40 3.33 -2.64
C PHE A 33 -6.80 3.84 -2.28
N LEU A 34 -7.34 4.66 -3.18
CA LEU A 34 -8.64 5.28 -3.00
C LEU A 34 -9.73 4.27 -3.34
N ILE A 35 -10.59 3.93 -2.36
CA ILE A 35 -11.66 2.98 -2.59
C ILE A 35 -13.02 3.67 -2.58
N ARG A 36 -13.10 4.85 -1.94
CA ARG A 36 -14.22 5.76 -2.08
C ARG A 36 -13.65 7.16 -2.21
N ARG A 37 -14.46 8.13 -2.64
CA ARG A 37 -13.94 9.46 -2.88
C ARG A 37 -13.35 10.06 -1.61
N ASN A 38 -13.79 9.60 -0.42
CA ASN A 38 -13.26 10.09 0.84
C ASN A 38 -12.70 8.97 1.71
N PHE A 39 -12.29 7.83 1.12
CA PHE A 39 -11.66 6.78 1.89
C PHE A 39 -10.47 6.17 1.13
N VAL A 40 -9.35 6.06 1.86
CA VAL A 40 -8.13 5.42 1.37
C VAL A 40 -7.86 4.19 2.23
N LEU A 41 -7.55 3.08 1.57
CA LEU A 41 -7.15 1.84 2.23
C LEU A 41 -5.62 1.77 2.24
N THR A 42 -5.05 1.36 3.38
CA THR A 42 -3.61 1.26 3.54
C THR A 42 -3.32 0.24 4.65
N ALA A 43 -2.05 0.16 5.04
CA ALA A 43 -1.62 -0.72 6.12
C ALA A 43 -1.74 -0.02 7.46
N ALA A 44 -2.08 -0.79 8.50
CA ALA A 44 -2.18 -0.28 9.86
C ALA A 44 -0.84 0.21 10.40
N HIS A 45 0.28 -0.37 9.94
CA HIS A 45 1.58 0.04 10.46
C HIS A 45 1.97 1.41 9.91
N CYS A 46 1.17 1.95 8.98
CA CYS A 46 1.38 3.29 8.46
C CYS A 46 0.66 4.35 9.29
N ALA A 47 0.03 3.95 10.40
CA ALA A 47 -0.66 4.89 11.27
C ALA A 47 0.35 5.86 11.89
N GLY A 48 -0.14 7.05 12.25
CA GLY A 48 0.70 8.05 12.90
C GLY A 48 -0.18 9.09 13.58
N ARG A 49 0.45 10.19 14.00
CA ARG A 49 -0.27 11.25 14.68
C ARG A 49 -1.19 11.96 13.69
N SER A 50 -0.68 12.18 12.47
CA SER A 50 -1.48 12.72 11.40
C SER A 50 -0.92 12.25 10.07
N ILE A 51 -1.78 12.25 9.04
CA ILE A 51 -1.41 11.77 7.72
C ILE A 51 -1.92 12.75 6.67
N THR A 52 -1.09 13.00 5.65
N THR A 52 -1.11 12.98 5.62
CA THR A 52 -1.53 13.69 4.45
CA THR A 52 -1.58 13.71 4.46
C THR A 52 -1.55 12.68 3.31
C THR A 52 -1.48 12.80 3.25
N VAL A 53 -2.53 12.84 2.42
CA VAL A 53 -2.67 11.99 1.25
C VAL A 53 -2.48 12.85 0.02
N THR A 54 -1.61 12.42 -0.90
CA THR A 54 -1.52 13.06 -2.20
C THR A 54 -2.06 12.06 -3.23
N LEU A 55 -3.15 12.46 -3.90
CA LEU A 55 -3.69 11.73 -5.04
C LEU A 55 -3.21 12.41 -6.32
N GLY A 56 -3.21 11.65 -7.42
CA GLY A 56 -2.93 12.18 -8.74
C GLY A 56 -1.44 12.33 -9.03
N ALA A 57 -0.59 11.70 -8.22
CA ALA A 57 0.85 11.90 -8.34
C ALA A 57 1.47 10.88 -9.30
N HIS A 58 2.56 11.29 -9.95
CA HIS A 58 3.49 10.37 -10.58
C HIS A 58 4.88 10.59 -10.01
N ASN A 59 5.51 11.70 -10.41
CA ASN A 59 6.74 12.15 -9.78
C ASN A 59 6.36 13.01 -8.58
N ILE A 60 6.60 12.49 -7.37
N ILE A 60 6.57 12.48 -7.37
CA ILE A 60 6.12 13.10 -6.15
CA ILE A 60 6.09 13.13 -6.16
C ILE A 60 6.98 14.30 -5.76
C ILE A 60 6.96 14.34 -5.79
N THR A 61 8.04 14.60 -6.54
CA THR A 61 8.87 15.78 -6.28
C THR A 61 8.40 16.97 -7.12
N GLU A 62 7.51 16.76 -8.10
CA GLU A 62 7.13 17.81 -9.03
C GLU A 62 5.63 18.06 -8.95
N GLU A 63 5.26 19.17 -8.32
N GLU A 63 5.24 19.17 -8.32
CA GLU A 63 3.88 19.64 -8.22
CA GLU A 63 3.84 19.53 -8.17
C GLU A 63 3.28 19.76 -9.61
C GLU A 63 3.24 19.83 -9.53
N GLU A 64 2.01 19.33 -9.75
CA GLU A 64 1.30 19.47 -11.01
C GLU A 64 -0.19 19.54 -10.74
N ASP A 65 -0.97 19.90 -11.78
CA ASP A 65 -2.38 20.17 -11.60
C ASP A 65 -3.16 18.91 -11.21
N THR A 66 -2.67 17.73 -11.58
CA THR A 66 -3.34 16.48 -11.20
C THR A 66 -3.31 16.26 -9.69
N TRP A 67 -2.34 16.87 -8.98
CA TRP A 67 -2.23 16.64 -7.55
C TRP A 67 -3.50 17.08 -6.83
N GLN A 68 -3.96 16.23 -5.91
CA GLN A 68 -4.88 16.65 -4.86
C GLN A 68 -4.26 16.25 -3.53
N LYS A 69 -3.83 17.26 -2.76
CA LYS A 69 -3.34 17.06 -1.41
C LYS A 69 -4.54 17.15 -0.47
N LEU A 70 -4.80 16.05 0.26
CA LEU A 70 -6.03 15.96 1.02
C LEU A 70 -5.76 15.61 2.47
N GLU A 71 -6.46 16.33 3.36
CA GLU A 71 -6.39 16.11 4.79
C GLU A 71 -7.11 14.81 5.15
N VAL A 72 -6.52 14.07 6.10
CA VAL A 72 -7.17 12.92 6.70
C VAL A 72 -7.79 13.39 8.02
N ILE A 73 -9.09 13.15 8.22
N ILE A 73 -9.10 13.15 8.19
CA ILE A 73 -9.73 13.61 9.43
CA ILE A 73 -9.81 13.58 9.38
C ILE A 73 -9.69 12.53 10.51
C ILE A 73 -9.64 12.54 10.49
N LYS A 74 -9.65 11.25 10.12
CA LYS A 74 -9.67 10.17 11.09
C LYS A 74 -9.01 8.92 10.49
N GLN A 75 -8.25 8.21 11.34
CA GLN A 75 -7.65 6.94 11.00
C GLN A 75 -8.43 5.82 11.68
N PHE A 76 -8.80 4.79 10.89
CA PHE A 76 -9.50 3.62 11.39
C PHE A 76 -8.58 2.41 11.25
N ARG A 77 -7.76 2.18 12.27
CA ARG A 77 -6.89 1.01 12.32
C ARG A 77 -7.74 -0.19 12.70
N HIS A 78 -7.46 -1.35 12.10
CA HIS A 78 -8.19 -2.56 12.45
C HIS A 78 -8.04 -2.79 13.95
N PRO A 79 -9.15 -3.02 14.69
CA PRO A 79 -9.08 -3.11 16.16
C PRO A 79 -8.24 -4.26 16.70
N LYS A 80 -8.00 -5.29 15.87
CA LYS A 80 -7.25 -6.46 16.29
C LYS A 80 -5.82 -6.40 15.78
N TYR A 81 -5.41 -5.26 15.20
CA TYR A 81 -4.06 -5.10 14.69
C TYR A 81 -3.08 -5.36 15.83
N ASN A 82 -2.05 -6.17 15.51
CA ASN A 82 -1.07 -6.62 16.49
C ASN A 82 0.31 -6.17 16.02
N THR A 83 1.01 -5.40 16.84
CA THR A 83 2.28 -4.79 16.46
C THR A 83 3.41 -5.82 16.46
N SER A 84 3.21 -6.97 17.11
CA SER A 84 4.20 -8.02 17.15
C SER A 84 4.08 -8.92 15.91
N THR A 85 2.88 -9.48 15.70
CA THR A 85 2.65 -10.46 14.64
C THR A 85 2.36 -9.75 13.31
N LEU A 86 1.89 -8.49 13.40
CA LEU A 86 1.38 -7.72 12.26
C LEU A 86 0.16 -8.40 11.64
N HIS A 87 -0.56 -9.22 12.40
CA HIS A 87 -1.86 -9.68 11.96
C HIS A 87 -2.79 -8.47 11.86
N HIS A 88 -3.68 -8.50 10.86
CA HIS A 88 -4.72 -7.49 10.69
C HIS A 88 -4.08 -6.14 10.38
N ASP A 89 -3.09 -6.15 9.49
CA ASP A 89 -2.37 -4.95 9.11
C ASP A 89 -3.16 -4.20 8.04
N ILE A 90 -4.25 -3.55 8.46
CA ILE A 90 -5.13 -2.87 7.54
C ILE A 90 -5.72 -1.66 8.24
N MET A 91 -5.91 -0.58 7.49
CA MET A 91 -6.40 0.68 8.04
C MET A 91 -7.14 1.45 6.96
N LEU A 92 -8.23 2.10 7.36
CA LEU A 92 -8.96 3.02 6.50
C LEU A 92 -8.71 4.44 6.95
N LEU A 93 -8.44 5.32 5.97
CA LEU A 93 -8.29 6.74 6.23
C LEU A 93 -9.50 7.47 5.66
N LYS A 94 -10.22 8.20 6.52
CA LYS A 94 -11.30 9.05 6.05
C LYS A 94 -10.73 10.43 5.71
N LEU A 95 -10.98 10.88 4.48
CA LEU A 95 -10.53 12.18 4.03
C LEU A 95 -11.54 13.25 4.46
N LYS A 96 -11.03 14.46 4.71
N LYS A 96 -11.05 14.47 4.68
CA LYS A 96 -11.85 15.58 5.15
CA LYS A 96 -11.87 15.56 5.18
C LYS A 96 -12.96 15.87 4.15
C LYS A 96 -12.95 15.92 4.15
N GLU A 97 -12.60 15.83 2.86
CA GLU A 97 -13.56 16.04 1.80
C GLU A 97 -13.41 14.95 0.74
N LYS A 98 -14.42 14.82 -0.11
CA LYS A 98 -14.36 13.86 -1.21
C LYS A 98 -13.42 14.40 -2.26
N ALA A 99 -12.53 13.53 -2.74
CA ALA A 99 -11.62 13.85 -3.84
C ALA A 99 -12.42 14.19 -5.09
N SER A 100 -11.80 14.99 -5.96
CA SER A 100 -12.33 15.25 -7.29
C SER A 100 -12.00 14.06 -8.19
N LEU A 101 -12.97 13.66 -9.01
CA LEU A 101 -12.74 12.66 -10.03
C LEU A 101 -12.14 13.34 -11.26
N THR A 102 -10.96 12.88 -11.65
CA THR A 102 -10.29 13.35 -12.86
C THR A 102 -9.73 12.13 -13.58
N LEU A 103 -9.10 12.36 -14.74
CA LEU A 103 -8.45 11.26 -15.43
C LEU A 103 -7.40 10.64 -14.51
N ALA A 104 -6.72 11.48 -13.72
CA ALA A 104 -5.58 11.07 -12.92
C ALA A 104 -5.98 10.58 -11.52
N VAL A 105 -7.23 10.81 -11.11
CA VAL A 105 -7.67 10.43 -9.77
C VAL A 105 -9.04 9.78 -9.87
N GLY A 106 -9.13 8.53 -9.39
CA GLY A 106 -10.38 7.81 -9.32
C GLY A 106 -10.29 6.65 -8.32
N THR A 107 -11.43 6.03 -8.03
CA THR A 107 -11.50 4.95 -7.06
C THR A 107 -11.18 3.64 -7.76
N LEU A 108 -10.77 2.65 -6.96
CA LEU A 108 -10.54 1.30 -7.43
C LEU A 108 -11.79 0.45 -7.14
N PRO A 119 -2.51 -20.20 -6.15
CA PRO A 119 -1.28 -19.54 -5.76
C PRO A 119 -0.16 -19.85 -6.75
N GLY A 120 -0.38 -19.44 -8.01
CA GLY A 120 0.66 -19.45 -9.02
C GLY A 120 0.44 -18.38 -10.09
N ARG A 121 -0.49 -17.45 -9.85
CA ARG A 121 -0.84 -16.44 -10.83
C ARG A 121 0.02 -15.21 -10.62
N MET A 122 0.04 -14.32 -11.62
N MET A 122 0.06 -14.33 -11.64
CA MET A 122 0.85 -13.12 -11.58
CA MET A 122 0.85 -13.12 -11.58
C MET A 122 -0.04 -11.92 -11.26
C MET A 122 -0.05 -11.94 -11.24
N CYS A 123 0.43 -11.09 -10.33
CA CYS A 123 -0.28 -9.90 -9.89
C CYS A 123 0.70 -8.73 -9.95
N ARG A 124 0.18 -7.50 -9.85
CA ARG A 124 1.02 -6.32 -9.95
C ARG A 124 0.84 -5.47 -8.69
N VAL A 125 1.96 -4.90 -8.21
CA VAL A 125 1.93 -3.97 -7.10
C VAL A 125 2.70 -2.71 -7.51
N ALA A 126 2.24 -1.54 -7.03
CA ALA A 126 2.88 -0.28 -7.36
C ALA A 126 3.20 0.48 -6.09
N GLY A 127 4.21 1.36 -6.14
CA GLY A 127 4.56 2.17 -5.00
C GLY A 127 5.75 3.08 -5.27
N TRP A 128 5.97 4.00 -4.31
CA TRP A 128 7.06 4.96 -4.33
C TRP A 128 8.17 4.53 -3.36
N GLY A 129 8.16 3.25 -2.95
CA GLY A 129 9.10 2.77 -1.96
C GLY A 129 10.51 2.64 -2.52
N ARG A 130 11.42 2.17 -1.65
CA ARG A 130 12.82 1.99 -2.00
C ARG A 130 12.95 1.00 -3.15
N THR A 131 13.95 1.23 -4.01
CA THR A 131 14.19 0.41 -5.18
C THR A 131 15.38 -0.51 -4.95
N GLY A 132 15.87 -0.53 -3.70
CA GLY A 132 16.94 -1.42 -3.29
C GLY A 132 17.19 -1.28 -1.80
N VAL A 133 17.98 -2.19 -1.22
CA VAL A 133 18.28 -2.14 0.20
C VAL A 133 18.98 -0.83 0.53
N LEU A 134 19.93 -0.41 -0.33
CA LEU A 134 20.74 0.77 -0.06
C LEU A 134 20.23 1.99 -0.84
N LYS A 135 19.01 1.90 -1.39
CA LYS A 135 18.53 2.94 -2.29
C LYS A 135 17.37 3.70 -1.63
N PRO A 136 16.95 4.82 -2.21
CA PRO A 136 16.09 5.71 -1.44
C PRO A 136 14.74 5.43 -2.08
N GLY A 137 13.67 5.98 -1.48
CA GLY A 137 12.37 5.93 -2.12
C GLY A 137 12.41 6.52 -3.52
N SER A 138 11.62 5.94 -4.43
CA SER A 138 11.56 6.37 -5.81
C SER A 138 10.80 7.69 -5.93
N ASP A 139 11.32 8.62 -6.74
CA ASP A 139 10.60 9.85 -7.05
C ASP A 139 9.35 9.54 -7.86
N THR A 140 9.43 8.53 -8.73
CA THR A 140 8.33 8.18 -9.62
C THR A 140 7.64 6.91 -9.12
N LEU A 141 6.34 6.81 -9.42
CA LEU A 141 5.59 5.59 -9.15
C LEU A 141 6.21 4.46 -9.97
N GLN A 142 6.53 3.36 -9.28
CA GLN A 142 7.07 2.15 -9.88
C GLN A 142 6.07 1.02 -9.71
N GLU A 143 6.16 -0.01 -10.56
CA GLU A 143 5.32 -1.18 -10.42
C GLU A 143 6.08 -2.42 -10.88
N VAL A 144 5.60 -3.59 -10.42
CA VAL A 144 6.28 -4.84 -10.70
C VAL A 144 5.25 -5.98 -10.70
N LYS A 145 5.47 -6.96 -11.57
CA LYS A 145 4.64 -8.16 -11.62
C LYS A 145 5.28 -9.22 -10.73
N LEU A 146 4.48 -9.79 -9.83
CA LEU A 146 4.96 -10.74 -8.84
C LEU A 146 4.09 -11.99 -8.87
N ARG A 147 4.71 -13.13 -8.51
CA ARG A 147 4.02 -14.40 -8.47
C ARG A 147 3.38 -14.61 -7.10
N LEU A 148 2.07 -14.92 -7.09
N LEU A 148 2.09 -14.96 -7.09
CA LEU A 148 1.41 -15.45 -5.91
CA LEU A 148 1.42 -15.42 -5.89
C LEU A 148 2.02 -16.81 -5.58
C LEU A 148 1.94 -16.81 -5.55
N MET A 149 2.45 -16.98 -4.33
CA MET A 149 3.13 -18.21 -3.92
C MET A 149 2.21 -19.03 -3.03
N ASP A 150 2.44 -20.35 -3.03
CA ASP A 150 1.83 -21.22 -2.04
C ASP A 150 2.28 -20.77 -0.66
N PRO A 151 1.44 -20.93 0.40
CA PRO A 151 1.76 -20.37 1.72
C PRO A 151 3.03 -20.92 2.35
N GLN A 152 3.45 -22.14 2.00
CA GLN A 152 4.67 -22.72 2.56
C GLN A 152 5.89 -21.87 2.18
N ALA A 153 5.79 -21.10 1.09
CA ALA A 153 6.91 -20.27 0.66
C ALA A 153 7.18 -19.15 1.69
N CYS A 154 6.20 -18.86 2.55
CA CYS A 154 6.32 -17.81 3.55
C CYS A 154 6.42 -18.38 4.98
N SER A 155 6.73 -19.67 5.10
CA SER A 155 6.76 -20.32 6.40
C SER A 155 7.77 -19.66 7.35
N HIS A 156 8.87 -19.15 6.80
CA HIS A 156 9.94 -18.56 7.59
C HIS A 156 9.49 -17.29 8.29
N PHE A 157 8.40 -16.66 7.81
CA PHE A 157 7.70 -15.66 8.59
C PHE A 157 6.82 -16.41 9.57
N ARG A 158 7.28 -16.53 10.82
CA ARG A 158 6.71 -17.49 11.74
C ARG A 158 5.27 -17.13 12.09
N ASP A 159 4.90 -15.85 11.95
CA ASP A 159 3.55 -15.39 12.26
C ASP A 159 2.70 -15.20 11.00
N PHE A 160 3.19 -15.68 9.85
CA PHE A 160 2.40 -15.71 8.63
C PHE A 160 1.20 -16.63 8.83
N ASP A 161 0.04 -16.21 8.32
CA ASP A 161 -1.19 -16.99 8.39
C ASP A 161 -1.86 -16.98 7.02
N HIS A 162 -2.02 -18.16 6.43
CA HIS A 162 -2.54 -18.32 5.07
C HIS A 162 -3.95 -17.72 4.94
N ASN A 163 -4.74 -17.76 6.01
CA ASN A 163 -6.11 -17.25 5.97
C ASN A 163 -6.13 -15.73 5.96
N LEU A 164 -5.09 -15.10 6.57
CA LEU A 164 -5.09 -13.66 6.78
C LEU A 164 -4.27 -12.94 5.71
N GLN A 165 -3.35 -13.66 5.04
CA GLN A 165 -2.29 -13.03 4.28
C GLN A 165 -1.99 -13.81 3.00
N LEU A 166 -1.41 -13.07 2.04
CA LEU A 166 -0.89 -13.64 0.80
C LEU A 166 0.63 -13.66 0.85
N CYS A 167 1.21 -14.66 0.17
CA CYS A 167 2.64 -14.83 0.06
C CYS A 167 3.03 -14.47 -1.37
N VAL A 168 3.84 -13.41 -1.54
CA VAL A 168 3.96 -12.78 -2.85
C VAL A 168 5.42 -12.56 -3.22
N GLY A 169 5.80 -13.12 -4.38
CA GLY A 169 7.12 -12.92 -4.97
C GLY A 169 7.93 -14.21 -5.00
N ASN A 170 8.25 -14.67 -6.21
CA ASN A 170 9.09 -15.83 -6.43
C ASN A 170 10.46 -15.58 -5.79
N PRO A 171 10.94 -16.44 -4.87
CA PRO A 171 12.25 -16.25 -4.27
C PRO A 171 13.43 -16.31 -5.25
N ARG A 172 13.19 -16.88 -6.44
CA ARG A 172 14.20 -16.98 -7.49
C ARG A 172 14.43 -15.65 -8.21
N LYS A 173 13.54 -14.66 -7.98
CA LYS A 173 13.65 -13.36 -8.63
C LYS A 173 13.95 -12.31 -7.56
N THR A 174 14.51 -11.17 -7.97
CA THR A 174 14.77 -10.08 -7.03
C THR A 174 13.55 -9.17 -6.91
N LYS A 175 12.62 -9.28 -7.87
CA LYS A 175 11.42 -8.46 -7.91
C LYS A 175 10.67 -8.55 -6.59
N SER A 176 10.28 -7.39 -6.03
CA SER A 176 9.57 -7.38 -4.76
C SER A 176 9.02 -5.99 -4.46
N ALA A 177 7.92 -5.97 -3.69
CA ALA A 177 7.59 -4.79 -2.90
C ALA A 177 8.64 -4.65 -1.81
N PHE A 178 8.83 -3.41 -1.32
CA PHE A 178 9.83 -3.19 -0.28
C PHE A 178 9.40 -2.02 0.61
N LYS A 179 10.35 -1.59 1.46
CA LYS A 179 10.13 -0.48 2.38
C LYS A 179 9.59 0.72 1.62
N GLY A 180 8.52 1.31 2.16
CA GLY A 180 7.88 2.48 1.57
C GLY A 180 6.70 2.11 0.68
N ASP A 181 6.61 0.83 0.29
CA ASP A 181 5.51 0.35 -0.53
C ASP A 181 4.33 -0.12 0.33
N SER A 182 4.54 -0.19 1.65
CA SER A 182 3.52 -0.58 2.60
C SER A 182 2.20 0.13 2.28
N GLY A 183 1.09 -0.63 2.29
CA GLY A 183 -0.22 -0.03 2.11
C GLY A 183 -0.69 -0.02 0.66
N GLY A 184 0.24 -0.24 -0.29
CA GLY A 184 -0.10 -0.28 -1.69
C GLY A 184 -0.89 -1.53 -2.05
N PRO A 185 -1.76 -1.47 -3.08
CA PRO A 185 -2.56 -2.62 -3.49
C PRO A 185 -1.80 -3.60 -4.38
N LEU A 186 -2.13 -4.89 -4.20
CA LEU A 186 -1.74 -5.94 -5.13
C LEU A 186 -2.96 -6.26 -5.98
N LEU A 187 -2.84 -6.06 -7.30
CA LEU A 187 -3.96 -6.30 -8.21
C LEU A 187 -3.69 -7.57 -9.00
N CYS A 188 -4.65 -8.49 -8.95
CA CYS A 188 -4.61 -9.74 -9.70
C CYS A 188 -5.73 -9.72 -10.74
N ALA A 189 -5.33 -9.63 -12.02
CA ALA A 189 -6.27 -9.47 -13.13
C ALA A 189 -7.22 -8.30 -12.86
N GLY A 190 -6.66 -7.18 -12.39
CA GLY A 190 -7.39 -5.92 -12.29
C GLY A 190 -8.14 -5.76 -10.97
N VAL A 191 -8.17 -6.81 -10.13
CA VAL A 191 -8.90 -6.76 -8.87
C VAL A 191 -7.90 -6.72 -7.71
N ALA A 192 -8.13 -5.81 -6.76
CA ALA A 192 -7.28 -5.66 -5.59
C ALA A 192 -7.49 -6.85 -4.66
N GLN A 193 -6.43 -7.65 -4.45
CA GLN A 193 -6.51 -8.83 -3.60
C GLN A 193 -5.67 -8.68 -2.33
N GLY A 194 -4.66 -7.80 -2.35
CA GLY A 194 -3.73 -7.71 -1.25
C GLY A 194 -3.30 -6.27 -0.95
N ILE A 195 -2.70 -6.09 0.23
CA ILE A 195 -2.09 -4.84 0.65
C ILE A 195 -0.67 -5.16 1.10
N VAL A 196 0.32 -4.40 0.62
CA VAL A 196 1.70 -4.60 1.03
C VAL A 196 1.76 -4.48 2.56
N SER A 197 2.33 -5.49 3.23
CA SER A 197 2.46 -5.45 4.69
C SER A 197 3.93 -5.44 5.10
N TYR A 198 4.63 -6.58 5.01
CA TYR A 198 6.01 -6.63 5.49
C TYR A 198 6.78 -7.70 4.72
N GLY A 199 8.09 -7.76 5.01
CA GLY A 199 8.96 -8.78 4.46
C GLY A 199 10.31 -8.76 5.16
N ARG A 200 11.35 -9.20 4.45
CA ARG A 200 12.69 -9.23 4.98
C ARG A 200 13.40 -7.89 4.74
N SER A 201 14.22 -7.50 5.71
N SER A 201 14.24 -7.49 5.70
CA SER A 201 15.02 -6.28 5.64
CA SER A 201 14.98 -6.25 5.60
C SER A 201 15.98 -6.33 4.45
C SER A 201 16.02 -6.31 4.47
N ASP A 202 16.42 -7.53 4.08
CA ASP A 202 17.39 -7.71 3.00
C ASP A 202 16.70 -7.86 1.65
N ALA A 203 15.37 -7.74 1.62
CA ALA A 203 14.58 -7.61 0.40
C ALA A 203 14.41 -8.94 -0.34
N LYS A 204 14.85 -10.06 0.25
CA LYS A 204 14.70 -11.35 -0.41
C LYS A 204 13.21 -11.76 -0.38
N PRO A 205 12.59 -11.91 -1.56
CA PRO A 205 11.19 -12.30 -1.59
C PRO A 205 11.04 -13.77 -1.18
N PRO A 206 9.83 -14.25 -0.84
CA PRO A 206 8.60 -13.47 -0.90
C PRO A 206 8.36 -12.47 0.23
N ALA A 207 7.35 -11.60 0.03
CA ALA A 207 6.88 -10.68 1.04
C ALA A 207 5.45 -11.04 1.44
N VAL A 208 4.99 -10.44 2.54
CA VAL A 208 3.69 -10.76 3.12
C VAL A 208 2.73 -9.60 2.83
N PHE A 209 1.55 -9.96 2.30
CA PHE A 209 0.50 -9.01 1.99
C PHE A 209 -0.74 -9.35 2.80
N THR A 210 -1.49 -8.32 3.21
CA THR A 210 -2.80 -8.53 3.84
C THR A 210 -3.77 -9.05 2.78
N ARG A 211 -4.49 -10.12 3.11
CA ARG A 211 -5.53 -10.65 2.24
C ARG A 211 -6.81 -9.83 2.46
N ILE A 212 -7.18 -9.01 1.47
CA ILE A 212 -8.25 -8.04 1.63
C ILE A 212 -9.58 -8.75 1.89
N SER A 213 -9.80 -9.89 1.21
CA SER A 213 -11.07 -10.61 1.25
C SER A 213 -11.52 -10.87 2.68
N HIS A 214 -10.56 -11.15 3.58
CA HIS A 214 -10.85 -11.46 4.97
C HIS A 214 -11.52 -10.28 5.69
N TYR A 215 -11.28 -9.05 5.20
CA TYR A 215 -11.67 -7.84 5.92
C TYR A 215 -12.84 -7.13 5.27
N ARG A 216 -13.50 -7.76 4.30
CA ARG A 216 -14.59 -7.12 3.57
C ARG A 216 -15.71 -6.71 4.54
N PRO A 217 -16.11 -7.57 5.51
CA PRO A 217 -17.14 -7.18 6.48
C PRO A 217 -16.76 -5.92 7.28
N TRP A 218 -15.50 -5.87 7.72
CA TRP A 218 -15.01 -4.75 8.51
C TRP A 218 -14.95 -3.47 7.67
N ILE A 219 -14.42 -3.57 6.45
CA ILE A 219 -14.35 -2.44 5.53
C ILE A 219 -15.77 -1.90 5.33
N ASN A 220 -16.72 -2.80 5.07
CA ASN A 220 -18.09 -2.44 4.80
C ASN A 220 -18.69 -1.67 5.98
N GLN A 221 -18.41 -2.13 7.20
CA GLN A 221 -18.98 -1.54 8.40
C GLN A 221 -18.49 -0.10 8.55
N ILE A 222 -17.18 0.13 8.32
CA ILE A 222 -16.60 1.45 8.45
C ILE A 222 -17.20 2.37 7.38
N LEU A 223 -17.27 1.89 6.14
CA LEU A 223 -17.73 2.71 5.03
C LEU A 223 -19.20 3.10 5.22
N GLN A 224 -20.02 2.15 5.71
CA GLN A 224 -21.45 2.39 5.84
C GLN A 224 -21.75 3.37 6.98
N ALA A 225 -20.91 3.35 8.03
CA ALA A 225 -21.18 4.10 9.26
C ALA A 225 -20.51 5.48 9.24
N ASN A 226 -19.65 5.73 8.25
CA ASN A 226 -18.91 6.99 8.19
C ASN A 226 -19.10 7.62 6.81
ZN ZN B . 0.97 14.49 -14.73
C4 A1AOY C . 8.87 -3.70 5.16
C5 A1AOY C . 7.91 -4.64 9.89
C6 A1AOY C . 8.77 -4.48 3.96
C7 A1AOY C . 7.13 -3.40 10.23
C10 A1AOY C . 8.97 -4.59 8.97
C15 A1AOY C . 7.75 -4.59 3.02
C17 A1AOY C . 10.10 -6.07 2.69
C24 A1AOY C . 7.95 -5.44 1.95
C26 A1AOY C . 9.08 -6.19 1.76
C28 A1AOY C . 8.29 -10.58 11.38
S1 A1AOY C . 10.54 -3.08 7.34
C2 A1AOY C . 10.04 -3.83 5.86
S3 A1AOY C . 11.08 -4.95 5.07
N8 A1AOY C . 9.36 -3.33 8.42
C9 A1AOY C . 9.95 -5.23 3.78
C11 A1AOY C . 7.54 -5.87 10.43
O12 A1AOY C . 11.72 -3.75 7.78
O13 A1AOY C . 10.57 -1.67 7.08
C14 A1AOY C . 8.18 -7.05 10.06
C16 A1AOY C . 9.62 -5.76 8.59
N18 A1AOY C . 7.03 -10.83 11.76
C19 A1AOY C . 9.22 -6.97 9.14
F20 A1AOY C . 6.12 -3.64 11.06
F21 A1AOY C . 7.89 -2.49 10.81
F22 A1AOY C . 6.59 -2.82 9.15
C23 A1AOY C . 7.78 -8.36 10.65
C25 A1AOY C . 7.81 -2.77 5.68
F27 A1AOY C . 6.95 -5.55 1.04
C29 A1AOY C . 6.15 -9.84 11.58
C30 A1AOY C . 8.70 -9.39 10.84
C31 A1AOY C . 6.47 -8.61 11.04
#